data_7XHD
#
_entry.id   7XHD
#
_cell.length_a   29.403
_cell.length_b   30.917
_cell.length_c   31.584
_cell.angle_alpha   98.185
_cell.angle_beta   97.150
_cell.angle_gamma   109.125
#
_symmetry.space_group_name_H-M   'P 1'
#
loop_
_entity.id
_entity.type
_entity.pdbx_description
1 polymer "DNA (5'-D(*GP*GP*GP*GP*TP*GP*GP*GP*TP*GP*GP*TP*GP*GP*GP*T)-3')"
2 non-polymer 'POTASSIUM ION'
3 water water
#
_entity_poly.entity_id   1
_entity_poly.type   'polydeoxyribonucleotide'
_entity_poly.pdbx_seq_one_letter_code
;(DG)(DG)(DG)(DG)(DT)(DG)(DG)(DG)(DT)(DG)(DG)(DT)(DG)(DG)(DG)(DT)
;
_entity_poly.pdbx_strand_id   A,B
#
loop_
_chem_comp.id
_chem_comp.type
_chem_comp.name
_chem_comp.formula
DG DNA linking 2'-DEOXYGUANOSINE-5'-MONOPHOSPHATE 'C10 H14 N5 O7 P'
DT DNA linking THYMIDINE-5'-MONOPHOSPHATE 'C10 H15 N2 O8 P'
K non-polymer 'POTASSIUM ION' 'K 1'
#
# COMPACT_ATOMS: atom_id res chain seq x y z
K K C . -2.73 -5.86 -2.07
K K D . -1.30 -2.85 -1.12
K K E . 0.01 0.01 -0.04
K K F . 1.31 2.88 1.10
K K G . 2.71 5.81 2.13
#